data_2ATC
#
_entry.id   2ATC
#
_cell.length_a   131.700
_cell.length_b   131.700
_cell.length_c   199.200
_cell.angle_alpha   90.00
_cell.angle_beta   90.00
_cell.angle_gamma   120.00
#
_symmetry.space_group_name_H-M   'H 3 2'
#
loop_
_entity.id
_entity.type
_entity.pdbx_description
1 polymer 'ASPARTATE CARBAMOYLTRANSFERASE, CATALYTIC CHAIN'
2 polymer 'ASPARTATE CARBAMOYLTRANSFERASE, REGULATORY CHAIN'
3 non-polymer 'ZINC ION'
#
loop_
_entity_poly.entity_id
_entity_poly.type
_entity_poly.pdbx_seq_one_letter_code
_entity_poly.pdbx_strand_id
1 'polypeptide(L)'
;ANPLYQSHIISINDLSRDDLNLVLATAAKLKANPQPELLKHKVIASCFFEASTRTRLSFQTSMHRLGASVVGFSDSANTS
LGKKGQTLANTISVISTYVDAIVMRHPQEGAARLATEFSGNVPVLNAGDGSNQHPTQTLLDLFTIQQTEGRLNNLHVAMV
GDLKYGRTVHSLTQALAKFDGNRFYFIAPDALAMPEYILDMLDEKGIAWSLHSSIEEVMTRVQKERLDPSEYABVKAQFL
VRANSLGGLHNAKMNAKVLHPLPRVDEIATDVDKTPHAWYFQQAGNGIFARQALLALVLNRDLVL
;
A
2 'polypeptide(L)'
;MTHNDKLQVAEIKRGTVINHIPAEIGFKLLSLFKLTETQDRITIGLNLPSGEMGRKDLIKIENTFLSEDEVDELALYAPQ
ATVNRINDYEVVGKSRPSLPERNIDVLVCPDSNCISHAEPVSSSFAVRRADDIALKCKYCEKEFSHNVVLAN
;
B
#
loop_
_chem_comp.id
_chem_comp.type
_chem_comp.name
_chem_comp.formula
ZN non-polymer 'ZINC ION' 'Zn 2'
#
# COMPACT_ATOMS: atom_id res chain seq x y z
N ALA A 1 -9.72 6.53 23.05
CA ALA A 1 -9.60 5.36 23.94
C ALA A 1 -9.81 4.10 23.14
N ASN A 2 -10.35 4.38 21.95
CA ASN A 2 -10.71 3.50 20.87
C ASN A 2 -9.46 3.25 20.07
N PRO A 3 -9.17 2.04 19.73
CA PRO A 3 -7.98 1.84 18.88
C PRO A 3 -7.89 2.78 17.68
N LEU A 4 -8.98 2.96 16.98
CA LEU A 4 -9.13 3.65 15.75
C LEU A 4 -9.05 5.11 15.75
N TYR A 5 -9.39 5.87 16.69
CA TYR A 5 -9.22 7.28 16.70
C TYR A 5 -8.21 7.88 15.77
N GLN A 6 -8.34 9.10 15.45
CA GLN A 6 -7.50 9.92 14.63
C GLN A 6 -6.46 9.20 13.76
N SER A 7 -6.74 7.93 13.60
CA SER A 7 -5.76 7.16 12.78
C SER A 7 -6.33 7.28 11.36
N HIS A 8 -5.44 7.35 10.39
CA HIS A 8 -5.97 7.46 9.04
C HIS A 8 -6.00 6.03 8.55
N ILE A 9 -7.12 5.87 7.94
CA ILE A 9 -7.35 4.51 7.35
C ILE A 9 -6.88 4.49 5.95
N ILE A 10 -6.10 3.63 5.41
CA ILE A 10 -5.62 3.61 4.06
C ILE A 10 -4.94 2.34 3.60
N SER A 11 -5.41 1.17 3.62
CA SER A 11 -4.65 -0.01 3.25
C SER A 11 -4.67 -0.99 4.48
N ILE A 12 -5.50 -1.93 4.18
CA ILE A 12 -5.95 -3.17 4.65
C ILE A 12 -4.69 -3.94 5.15
N ASN A 13 -3.68 -3.78 4.28
CA ASN A 13 -2.45 -4.46 4.65
C ASN A 13 -2.29 -3.84 6.05
N ASP A 14 -2.11 -2.53 5.91
CA ASP A 14 -1.79 -1.79 7.16
C ASP A 14 -2.83 -1.81 8.21
N LEU A 15 -3.38 -2.94 8.53
CA LEU A 15 -4.39 -3.03 9.64
C LEU A 15 -4.30 -4.45 10.20
N SER A 16 -4.51 -4.67 11.44
CA SER A 16 -4.46 -5.67 12.41
C SER A 16 -5.72 -6.48 12.65
N ARG A 17 -5.50 -7.80 12.90
CA ARG A 17 -6.72 -8.61 13.17
C ARG A 17 -7.57 -7.63 13.98
N ASP A 18 -7.70 -7.86 15.24
CA ASP A 18 -8.45 -6.85 16.05
C ASP A 18 -9.27 -5.84 15.26
N ASP A 19 -8.50 -4.85 14.81
CA ASP A 19 -9.07 -3.78 14.01
C ASP A 19 -10.15 -4.46 13.18
N LEU A 20 -9.90 -5.34 12.26
CA LEU A 20 -10.95 -5.93 11.48
C LEU A 20 -12.07 -6.49 12.33
N ASN A 21 -11.66 -7.06 13.41
CA ASN A 21 -12.81 -7.72 14.09
C ASN A 21 -13.66 -6.65 14.68
N LEU A 22 -13.26 -5.42 14.57
CA LEU A 22 -13.92 -4.26 15.23
C LEU A 22 -14.89 -3.50 14.34
N VAL A 23 -14.30 -3.03 13.23
CA VAL A 23 -15.22 -2.25 12.30
C VAL A 23 -16.21 -3.36 12.01
N LEU A 24 -15.56 -4.53 11.88
CA LEU A 24 -16.42 -5.68 11.59
C LEU A 24 -17.60 -5.68 12.55
N ALA A 25 -17.35 -5.56 13.85
CA ALA A 25 -18.47 -5.67 14.80
C ALA A 25 -18.88 -4.25 15.05
N THR A 26 -18.16 -3.20 15.20
CA THR A 26 -19.09 -1.94 15.32
C THR A 26 -20.07 -1.94 14.23
N ALA A 27 -19.83 -2.44 13.02
CA ALA A 27 -20.93 -2.25 12.03
C ALA A 27 -22.04 -3.22 12.20
N ALA A 28 -21.81 -4.38 12.67
CA ALA A 28 -22.88 -5.38 12.85
C ALA A 28 -24.16 -4.90 13.47
N LYS A 29 -24.14 -3.99 14.45
CA LYS A 29 -25.30 -3.51 15.24
C LYS A 29 -25.96 -2.26 14.62
N LEU A 30 -24.96 -1.37 14.51
CA LEU A 30 -25.13 -0.04 13.85
C LEU A 30 -26.24 -0.46 12.84
N LYS A 31 -25.91 -1.64 12.31
CA LYS A 31 -26.76 -2.31 11.37
C LYS A 31 -28.00 -2.71 12.14
N ALA A 32 -27.90 -2.99 13.39
CA ALA A 32 -29.11 -3.49 14.12
C ALA A 32 -29.69 -2.44 15.00
N ASN A 33 -28.98 -1.35 14.99
CA ASN A 33 -29.01 -0.21 15.87
C ASN A 33 -28.31 1.03 15.38
N PRO A 34 -29.05 1.77 14.58
CA PRO A 34 -28.63 3.01 13.94
C PRO A 34 -28.71 4.16 14.94
N GLN A 35 -27.96 5.19 14.67
CA GLN A 35 -27.70 6.41 15.32
C GLN A 35 -27.54 7.66 14.45
N PRO A 36 -28.51 8.38 14.04
CA PRO A 36 -28.24 9.64 13.22
C PRO A 36 -27.98 10.58 14.39
N GLU A 37 -27.05 11.45 14.32
CA GLU A 37 -26.61 12.47 15.27
C GLU A 37 -25.38 11.95 15.96
N LEU A 38 -24.82 10.76 15.71
CA LEU A 38 -23.58 10.42 16.42
C LEU A 38 -22.53 11.52 16.08
N LEU A 39 -22.85 12.01 14.87
CA LEU A 39 -22.02 12.94 14.11
C LEU A 39 -22.47 14.35 13.86
N LYS A 40 -23.70 14.74 13.87
CA LYS A 40 -24.15 16.14 13.81
C LYS A 40 -22.98 17.10 14.18
N HIS A 41 -23.02 18.20 13.50
CA HIS A 41 -22.07 19.27 13.74
C HIS A 41 -20.81 18.99 13.02
N LYS A 42 -20.88 17.94 12.34
CA LYS A 42 -19.76 17.50 11.48
C LYS A 42 -20.13 17.86 10.07
N VAL A 43 -19.12 18.01 9.25
CA VAL A 43 -19.15 18.40 7.79
C VAL A 43 -18.26 17.39 7.15
N ILE A 44 -18.03 16.82 6.07
CA ILE A 44 -16.83 15.90 5.94
C ILE A 44 -16.34 16.32 4.59
N ALA A 45 -15.42 15.60 4.03
CA ALA A 45 -14.99 16.13 2.66
C ALA A 45 -15.30 14.99 1.75
N SER A 46 -16.00 15.05 0.69
CA SER A 46 -16.22 13.89 -0.24
C SER A 46 -15.51 14.30 -1.52
N CYS A 47 -14.19 14.20 -1.42
CA CYS A 47 -13.25 14.60 -2.45
C CYS A 47 -13.20 13.68 -3.62
N PHE A 48 -13.70 13.98 -4.78
CA PHE A 48 -13.54 12.91 -5.76
C PHE A 48 -12.53 13.27 -6.79
N PHE A 49 -11.33 13.18 -6.23
CA PHE A 49 -10.22 13.34 -7.20
C PHE A 49 -10.61 12.47 -8.37
N GLU A 50 -11.07 11.24 -8.32
CA GLU A 50 -11.44 10.57 -9.61
C GLU A 50 -12.86 10.07 -9.62
N ALA A 51 -13.78 10.86 -10.01
CA ALA A 51 -15.20 10.59 -10.01
C ALA A 51 -15.40 9.12 -9.77
N SER A 52 -16.41 8.65 -9.12
CA SER A 52 -16.37 7.12 -9.07
C SER A 52 -17.74 6.56 -8.94
N THR A 53 -18.57 7.28 -8.27
CA THR A 53 -19.93 7.28 -7.92
C THR A 53 -20.52 6.12 -7.20
N ARG A 54 -20.26 4.91 -7.59
CA ARG A 54 -20.97 3.84 -6.80
C ARG A 54 -20.41 4.02 -5.39
N THR A 55 -19.17 3.97 -5.25
CA THR A 55 -18.39 4.19 -4.07
C THR A 55 -18.71 5.55 -3.44
N ARG A 56 -19.01 6.52 -4.28
CA ARG A 56 -19.21 7.82 -3.65
C ARG A 56 -20.60 7.93 -3.08
N LEU A 57 -21.42 7.40 -3.97
CA LEU A 57 -22.84 7.51 -3.58
C LEU A 57 -22.94 6.78 -2.30
N SER A 58 -22.29 5.70 -2.00
CA SER A 58 -22.49 4.99 -0.71
C SER A 58 -21.69 5.60 0.40
N PHE A 59 -20.46 5.96 0.11
CA PHE A 59 -19.65 6.63 1.17
C PHE A 59 -20.73 7.54 1.84
N GLN A 60 -20.84 8.69 1.28
CA GLN A 60 -21.69 9.83 1.53
C GLN A 60 -22.93 9.48 2.34
N THR A 61 -23.93 8.87 1.78
CA THR A 61 -25.16 8.34 2.34
C THR A 61 -24.83 7.87 3.77
N SER A 62 -23.58 7.44 3.87
CA SER A 62 -23.03 6.95 5.11
C SER A 62 -22.96 8.13 6.04
N MET A 63 -22.38 9.20 5.62
CA MET A 63 -22.12 10.35 6.46
C MET A 63 -23.40 10.83 7.09
N HIS A 64 -24.37 10.87 6.28
CA HIS A 64 -25.69 11.34 6.62
C HIS A 64 -26.53 10.37 7.37
N ARG A 65 -26.44 9.09 7.28
CA ARG A 65 -27.30 8.25 8.12
C ARG A 65 -26.75 8.44 9.55
N LEU A 66 -25.47 8.72 9.66
CA LEU A 66 -24.86 8.91 10.99
C LEU A 66 -25.26 10.31 11.33
N GLY A 67 -25.80 11.10 10.46
CA GLY A 67 -26.18 12.57 10.74
C GLY A 67 -25.07 13.47 10.30
N ALA A 68 -24.91 14.61 9.75
CA ALA A 68 -23.50 15.10 9.47
C ALA A 68 -23.46 16.02 8.30
N SER A 69 -22.48 15.88 7.46
CA SER A 69 -22.48 16.83 6.27
C SER A 69 -21.63 16.40 5.09
N VAL A 70 -21.55 17.29 4.10
CA VAL A 70 -20.72 16.94 2.96
C VAL A 70 -20.39 18.22 2.26
N VAL A 71 -19.43 17.90 1.46
CA VAL A 71 -18.91 19.09 0.61
C VAL A 71 -17.93 18.25 -0.18
N GLY A 72 -17.99 18.33 -1.47
CA GLY A 72 -17.10 17.38 -2.17
C GLY A 72 -17.28 17.69 -3.61
N PHE A 73 -16.93 16.74 -4.45
CA PHE A 73 -17.03 17.10 -5.89
C PHE A 73 -16.60 15.82 -6.56
N SER A 74 -16.94 15.60 -7.76
CA SER A 74 -16.51 14.46 -8.56
C SER A 74 -15.79 15.26 -9.68
N ASP A 75 -14.77 14.74 -10.28
CA ASP A 75 -14.02 15.39 -11.31
C ASP A 75 -13.77 14.69 -12.66
N SER A 76 -12.99 15.47 -13.44
CA SER A 76 -12.66 15.10 -14.83
C SER A 76 -13.68 15.89 -15.64
N ALA A 77 -13.39 17.20 -15.63
CA ALA A 77 -14.34 18.07 -16.35
C ALA A 77 -14.41 19.31 -15.48
N ASN A 78 -15.52 19.93 -15.69
CA ASN A 78 -16.00 21.14 -15.07
C ASN A 78 -15.67 21.22 -13.57
N THR A 79 -14.62 20.44 -13.13
CA THR A 79 -14.18 20.68 -11.67
C THR A 79 -12.88 21.52 -11.79
N SER A 80 -12.51 22.38 -10.78
CA SER A 80 -11.29 23.22 -10.91
C SER A 80 -10.22 22.78 -9.89
N LEU A 81 -9.62 23.88 -9.43
CA LEU A 81 -8.58 23.78 -8.39
C LEU A 81 -7.33 24.38 -9.05
N GLY A 82 -6.21 23.86 -8.65
CA GLY A 82 -4.84 24.08 -9.15
C GLY A 82 -4.80 22.95 -10.27
N LYS A 83 -3.83 23.18 -11.12
CA LYS A 83 -3.60 22.45 -12.40
C LYS A 83 -2.44 23.27 -12.99
N LYS A 84 -1.64 22.66 -13.81
CA LYS A 84 -0.50 23.49 -14.39
C LYS A 84 -0.16 24.64 -13.41
N GLY A 85 0.33 24.10 -12.25
CA GLY A 85 0.83 24.62 -11.03
C GLY A 85 0.64 23.97 -9.67
N GLN A 86 -0.50 23.87 -9.04
CA GLN A 86 -0.75 23.43 -7.72
C GLN A 86 -0.72 21.99 -7.32
N THR A 87 -0.51 21.82 -5.99
CA THR A 87 -0.34 20.47 -5.48
C THR A 87 -1.43 19.87 -4.74
N LEU A 88 -1.64 18.61 -5.15
CA LEU A 88 -2.70 17.86 -4.38
C LEU A 88 -2.19 18.02 -2.96
N ALA A 89 -1.67 19.09 -2.49
CA ALA A 89 -1.07 18.87 -1.14
C ALA A 89 -0.93 20.32 -0.78
N ASN A 90 -1.94 20.87 -1.29
CA ASN A 90 -2.04 22.35 -1.06
C ASN A 90 -3.58 22.26 -1.03
N THR A 91 -4.01 21.29 -1.90
CA THR A 91 -5.50 21.19 -1.95
C THR A 91 -5.93 20.87 -0.53
N ILE A 92 -5.34 19.80 -0.09
CA ILE A 92 -5.48 19.19 1.21
C ILE A 92 -5.19 20.11 2.36
N SER A 93 -4.03 20.76 2.41
CA SER A 93 -3.63 21.55 3.52
C SER A 93 -4.62 22.62 3.86
N VAL A 94 -5.48 22.96 3.01
CA VAL A 94 -6.51 24.06 3.14
C VAL A 94 -7.83 23.40 3.52
N ILE A 95 -8.04 22.42 2.71
CA ILE A 95 -9.21 21.56 2.88
C ILE A 95 -9.15 21.22 4.36
N SER A 96 -7.99 20.69 4.65
CA SER A 96 -7.63 20.13 5.96
C SER A 96 -8.28 21.02 6.97
N THR A 97 -8.12 22.29 6.77
CA THR A 97 -8.44 23.40 7.59
C THR A 97 -9.81 23.53 8.16
N TYR A 98 -10.87 23.23 7.44
CA TYR A 98 -12.26 23.47 7.83
C TYR A 98 -12.96 22.11 8.11
N VAL A 99 -12.54 21.17 7.31
CA VAL A 99 -13.06 19.84 7.41
C VAL A 99 -12.69 19.34 8.83
N ASP A 100 -13.37 18.25 9.00
CA ASP A 100 -13.37 17.31 10.08
C ASP A 100 -12.92 15.97 9.52
N ALA A 101 -12.85 15.62 8.27
CA ALA A 101 -12.40 14.32 7.77
C ALA A 101 -12.34 14.18 6.27
N ILE A 102 -11.60 13.24 5.72
CA ILE A 102 -11.63 13.34 4.30
C ILE A 102 -11.87 12.20 3.46
N VAL A 103 -12.93 11.51 3.22
CA VAL A 103 -12.83 10.49 2.12
C VAL A 103 -12.28 11.21 0.89
N MET A 104 -11.58 10.59 0.00
CA MET A 104 -10.97 11.17 -1.18
C MET A 104 -10.50 10.10 -2.12
N ARG A 105 -10.70 10.26 -3.43
CA ARG A 105 -10.35 9.20 -4.41
C ARG A 105 -9.46 9.72 -5.54
N HIS A 106 -8.65 8.75 -5.95
CA HIS A 106 -7.72 9.23 -6.97
C HIS A 106 -7.19 8.24 -7.96
N PRO A 107 -6.66 8.84 -9.03
CA PRO A 107 -6.00 8.24 -10.15
C PRO A 107 -4.60 7.71 -9.85
N GLN A 108 -3.81 8.52 -9.17
CA GLN A 108 -2.41 8.27 -8.86
C GLN A 108 -2.49 7.28 -7.72
N GLU A 109 -1.39 6.98 -7.13
CA GLU A 109 -1.40 6.01 -6.07
C GLU A 109 -0.56 6.32 -4.86
N GLY A 110 -0.63 7.45 -4.20
CA GLY A 110 0.09 7.84 -2.97
C GLY A 110 -0.98 8.65 -2.19
N ALA A 111 -1.57 9.51 -2.97
CA ALA A 111 -2.56 10.49 -2.55
C ALA A 111 -2.91 10.19 -1.11
N ALA A 112 -3.88 9.36 -0.79
CA ALA A 112 -4.19 9.22 0.62
C ALA A 112 -2.85 9.27 1.28
N ARG A 113 -1.98 8.36 1.02
CA ARG A 113 -0.72 8.58 1.86
C ARG A 113 -0.21 9.97 1.64
N LEU A 114 0.15 10.35 0.42
CA LEU A 114 0.68 11.70 0.16
C LEU A 114 -0.19 12.67 0.96
N ALA A 115 -1.45 12.73 0.67
CA ALA A 115 -2.20 13.57 1.60
C ALA A 115 -1.96 13.16 3.05
N THR A 116 -1.79 11.97 3.57
CA THR A 116 -1.69 12.03 5.05
C THR A 116 -0.71 13.23 5.34
N GLU A 117 0.56 12.97 5.46
CA GLU A 117 1.58 13.95 5.73
C GLU A 117 1.16 15.39 5.83
N PHE A 118 0.50 15.92 4.81
CA PHE A 118 0.14 17.33 4.79
C PHE A 118 -1.13 17.66 5.52
N SER A 119 -1.98 16.73 5.88
CA SER A 119 -3.22 17.06 6.51
C SER A 119 -3.32 16.95 8.01
N GLY A 120 -2.28 17.16 8.77
CA GLY A 120 -2.29 17.14 10.23
C GLY A 120 -3.60 16.48 10.64
N ASN A 121 -3.90 16.50 11.86
CA ASN A 121 -5.02 15.83 12.51
C ASN A 121 -6.36 15.80 11.79
N VAL A 122 -6.52 15.35 10.57
CA VAL A 122 -7.93 15.29 9.99
C VAL A 122 -7.73 13.98 9.23
N PRO A 123 -8.36 12.99 9.76
CA PRO A 123 -8.14 11.66 9.20
C PRO A 123 -8.49 11.55 7.74
N VAL A 124 -7.85 10.78 6.89
CA VAL A 124 -8.29 10.65 5.48
C VAL A 124 -8.85 9.23 5.32
N LEU A 125 -9.86 9.07 4.54
CA LEU A 125 -10.40 7.68 4.32
C LEU A 125 -9.89 7.55 2.88
N ASN A 126 -9.72 6.40 2.33
CA ASN A 126 -9.15 6.25 0.99
C ASN A 126 -10.31 5.54 0.33
N ALA A 127 -10.81 6.06 -0.71
CA ALA A 127 -11.88 5.30 -1.40
C ALA A 127 -11.09 4.57 -2.52
N GLY A 128 -9.84 5.07 -2.78
CA GLY A 128 -8.86 4.58 -3.79
C GLY A 128 -7.57 5.31 -4.07
N ASP A 129 -6.37 4.81 -4.24
CA ASP A 129 -5.10 5.52 -4.46
C ASP A 129 -5.06 5.47 -6.02
N GLY A 130 -5.37 4.27 -6.41
CA GLY A 130 -5.34 4.11 -7.84
C GLY A 130 -5.69 2.66 -8.08
N SER A 131 -4.63 1.92 -8.35
CA SER A 131 -4.70 0.52 -8.71
C SER A 131 -4.11 -0.16 -7.48
N ASN A 132 -3.98 0.62 -6.45
CA ASN A 132 -3.36 0.16 -5.22
C ASN A 132 -4.22 -0.33 -4.11
N GLN A 133 -4.99 0.56 -3.48
CA GLN A 133 -5.76 0.05 -2.33
C GLN A 133 -7.08 0.68 -2.17
N HIS A 134 -8.01 -0.07 -1.76
CA HIS A 134 -9.42 0.20 -1.43
C HIS A 134 -9.97 -0.52 -0.19
N PRO A 135 -9.48 -0.28 1.00
CA PRO A 135 -9.82 -0.81 2.27
C PRO A 135 -11.29 -0.87 2.57
N THR A 136 -11.86 0.18 1.98
CA THR A 136 -13.28 0.21 2.25
C THR A 136 -13.88 -0.99 1.52
N GLN A 137 -13.51 -1.18 0.30
CA GLN A 137 -14.07 -2.30 -0.46
C GLN A 137 -13.95 -3.58 0.32
N THR A 138 -12.80 -4.20 0.44
CA THR A 138 -12.46 -5.40 1.16
C THR A 138 -12.94 -5.60 2.57
N LEU A 139 -12.99 -4.64 3.43
CA LEU A 139 -13.62 -4.76 4.73
C LEU A 139 -15.16 -4.80 4.42
N LEU A 140 -15.54 -4.06 3.37
CA LEU A 140 -16.93 -4.03 3.05
C LEU A 140 -17.31 -5.50 2.77
N ASP A 141 -16.45 -6.16 2.08
CA ASP A 141 -16.44 -7.52 1.56
C ASP A 141 -16.29 -8.71 2.49
N LEU A 142 -15.42 -8.42 3.40
CA LEU A 142 -14.99 -9.18 4.48
C LEU A 142 -16.16 -9.41 5.41
N PHE A 143 -16.78 -8.36 5.88
CA PHE A 143 -17.90 -8.49 6.81
C PHE A 143 -18.85 -9.59 6.28
N THR A 144 -19.38 -8.92 5.29
CA THR A 144 -20.50 -9.46 4.43
C THR A 144 -20.12 -10.87 4.33
N ILE A 145 -18.79 -11.12 4.17
CA ILE A 145 -18.53 -12.58 4.11
C ILE A 145 -19.14 -13.09 5.41
N GLN A 146 -18.81 -12.49 6.49
CA GLN A 146 -19.19 -12.80 7.87
C GLN A 146 -20.66 -12.92 8.17
N GLN A 147 -21.42 -11.88 8.13
CA GLN A 147 -22.90 -12.06 8.36
C GLN A 147 -23.25 -13.29 7.54
N THR A 148 -22.65 -13.70 6.45
CA THR A 148 -23.08 -14.88 5.73
C THR A 148 -22.69 -16.24 6.30
N GLU A 149 -21.52 -16.70 5.84
CA GLU A 149 -21.03 -18.03 6.27
C GLU A 149 -20.88 -18.33 7.72
N GLY A 150 -20.95 -17.41 8.62
CA GLY A 150 -20.95 -16.97 9.92
C GLY A 150 -19.69 -16.77 10.74
N ARG A 151 -18.61 -16.74 9.96
CA ARG A 151 -17.22 -16.68 10.42
C ARG A 151 -16.18 -16.46 9.32
N LEU A 152 -15.02 -15.92 9.60
CA LEU A 152 -13.92 -15.64 8.72
C LEU A 152 -12.71 -16.55 8.97
N ASN A 153 -12.90 -17.75 9.39
CA ASN A 153 -12.37 -18.96 9.92
C ASN A 153 -12.87 -20.30 9.36
N ASN A 154 -12.17 -21.16 8.77
CA ASN A 154 -12.57 -22.49 8.32
C ASN A 154 -13.51 -22.71 7.16
N LEU A 155 -13.18 -21.76 6.24
CA LEU A 155 -13.78 -21.56 4.96
C LEU A 155 -13.17 -22.13 3.70
N HIS A 156 -14.08 -22.09 2.75
CA HIS A 156 -14.09 -22.54 1.39
C HIS A 156 -14.48 -21.36 0.57
N VAL A 157 -13.40 -20.78 0.08
CA VAL A 157 -13.46 -19.54 -0.70
C VAL A 157 -13.08 -19.79 -2.13
N ALA A 158 -13.27 -18.85 -2.99
CA ALA A 158 -12.85 -19.18 -4.42
C ALA A 158 -12.94 -17.83 -5.06
N MET A 159 -12.12 -17.36 -5.94
CA MET A 159 -12.40 -15.99 -6.52
C MET A 159 -12.10 -16.24 -7.98
N VAL A 160 -13.05 -16.22 -8.86
CA VAL A 160 -12.89 -16.58 -10.31
C VAL A 160 -13.01 -15.29 -11.04
N GLY A 161 -11.95 -14.88 -11.68
CA GLY A 161 -11.99 -13.58 -12.38
C GLY A 161 -10.71 -13.28 -13.12
N ASP A 162 -10.33 -12.05 -12.97
CA ASP A 162 -9.13 -11.49 -13.49
C ASP A 162 -8.36 -11.06 -12.24
N LEU A 163 -7.97 -12.10 -11.53
CA LEU A 163 -7.15 -12.08 -10.38
C LEU A 163 -5.88 -11.34 -10.77
N LYS A 164 -5.57 -10.96 -11.96
CA LYS A 164 -4.27 -10.28 -12.26
C LYS A 164 -4.30 -8.80 -11.94
N TYR A 165 -5.04 -8.07 -12.77
CA TYR A 165 -5.19 -6.65 -12.42
C TYR A 165 -6.35 -6.70 -11.39
N GLY A 166 -6.82 -7.73 -10.78
CA GLY A 166 -7.96 -7.71 -9.89
C GLY A 166 -7.72 -6.86 -8.72
N ARG A 167 -8.28 -5.71 -8.55
CA ARG A 167 -7.90 -4.83 -7.42
C ARG A 167 -8.21 -5.35 -6.03
N THR A 168 -9.25 -6.05 -5.77
CA THR A 168 -9.92 -6.48 -4.57
C THR A 168 -9.73 -7.88 -4.11
N VAL A 169 -9.27 -8.75 -5.00
CA VAL A 169 -8.96 -10.14 -4.52
C VAL A 169 -7.60 -10.22 -3.88
N HIS A 170 -6.79 -9.32 -4.17
CA HIS A 170 -5.50 -8.86 -3.74
C HIS A 170 -5.68 -8.36 -2.32
N SER A 171 -6.65 -7.55 -2.03
CA SER A 171 -6.90 -7.17 -0.61
C SER A 171 -7.61 -8.30 0.17
N LEU A 172 -8.72 -8.64 -0.48
CA LEU A 172 -9.58 -9.56 0.11
C LEU A 172 -8.74 -10.65 0.74
N THR A 173 -7.97 -11.16 -0.20
CA THR A 173 -7.17 -12.35 0.06
C THR A 173 -6.29 -12.32 1.28
N GLN A 174 -5.58 -11.21 1.31
CA GLN A 174 -4.67 -10.96 2.40
C GLN A 174 -5.43 -10.50 3.64
N ALA A 175 -6.69 -10.29 3.58
CA ALA A 175 -7.36 -9.93 4.86
C ALA A 175 -7.94 -11.33 5.14
N LEU A 176 -8.78 -11.70 4.16
CA LEU A 176 -9.31 -13.07 4.43
C LEU A 176 -8.10 -13.86 4.87
N ALA A 177 -6.89 -13.50 4.53
CA ALA A 177 -5.77 -14.41 4.99
C ALA A 177 -5.33 -14.17 6.39
N LYS A 178 -4.96 -12.97 6.85
CA LYS A 178 -4.69 -12.85 8.26
C LYS A 178 -5.45 -13.94 9.06
N PHE A 179 -6.76 -14.09 9.10
CA PHE A 179 -7.45 -15.13 9.85
C PHE A 179 -6.97 -16.52 9.52
N ASP A 180 -7.64 -17.66 9.39
CA ASP A 180 -6.82 -18.90 9.20
C ASP A 180 -7.33 -20.20 8.61
N GLY A 181 -6.36 -21.04 8.14
CA GLY A 181 -6.45 -22.35 7.52
C GLY A 181 -7.75 -22.40 6.70
N ASN A 182 -7.64 -21.96 5.43
CA ASN A 182 -9.02 -21.97 4.79
C ASN A 182 -9.04 -22.40 3.40
N ARG A 183 -7.92 -22.54 2.71
CA ARG A 183 -7.92 -22.94 1.29
C ARG A 183 -8.77 -22.04 0.40
N PHE A 184 -8.05 -21.62 -0.62
CA PHE A 184 -8.53 -20.74 -1.67
C PHE A 184 -8.30 -21.42 -3.04
N TYR A 185 -9.25 -21.05 -3.84
CA TYR A 185 -9.35 -21.54 -5.20
C TYR A 185 -9.23 -20.48 -6.25
N PHE A 186 -8.40 -20.75 -7.24
CA PHE A 186 -8.29 -19.63 -8.20
C PHE A 186 -8.55 -19.84 -9.64
N ILE A 187 -9.79 -20.08 -9.99
CA ILE A 187 -10.18 -20.20 -11.39
C ILE A 187 -9.88 -19.01 -12.28
N ALA A 188 -8.62 -18.92 -12.67
CA ALA A 188 -8.09 -17.94 -13.57
C ALA A 188 -7.29 -18.54 -14.77
N PRO A 189 -7.69 -17.93 -15.84
CA PRO A 189 -7.22 -18.21 -17.16
C PRO A 189 -5.81 -17.72 -17.23
N ASP A 190 -4.88 -18.56 -17.06
CA ASP A 190 -3.48 -18.23 -17.20
C ASP A 190 -3.23 -16.91 -17.95
N ALA A 191 -3.53 -15.76 -17.43
CA ALA A 191 -3.25 -14.47 -18.08
C ALA A 191 -3.78 -13.38 -17.11
N LEU A 192 -4.73 -13.83 -16.29
CA LEU A 192 -5.39 -13.16 -15.19
C LEU A 192 -5.18 -14.08 -13.97
N ALA A 193 -4.07 -14.71 -14.22
CA ALA A 193 -3.30 -15.62 -13.38
C ALA A 193 -3.26 -14.97 -12.00
N MET A 194 -2.62 -15.62 -11.06
CA MET A 194 -2.43 -15.06 -9.74
C MET A 194 -0.94 -14.74 -9.64
N PRO A 195 -0.69 -13.52 -9.24
CA PRO A 195 0.66 -12.93 -9.11
C PRO A 195 1.37 -13.76 -8.08
N GLU A 196 2.67 -13.82 -8.31
CA GLU A 196 3.49 -14.73 -7.61
C GLU A 196 3.91 -14.18 -6.32
N TYR A 197 3.36 -13.08 -6.02
CA TYR A 197 3.73 -12.51 -4.64
C TYR A 197 2.62 -12.85 -3.72
N ILE A 198 1.39 -12.40 -3.84
CA ILE A 198 0.31 -12.82 -2.89
C ILE A 198 0.33 -14.32 -2.92
N LEU A 199 1.28 -15.10 -2.56
CA LEU A 199 1.16 -16.60 -2.67
C LEU A 199 2.28 -17.16 -1.80
N ASP A 200 3.42 -16.84 -2.30
CA ASP A 200 4.68 -17.06 -1.61
C ASP A 200 4.19 -16.59 -0.20
N MET A 201 3.24 -15.64 -0.27
CA MET A 201 2.72 -15.24 1.04
C MET A 201 1.71 -16.28 1.53
N LEU A 202 0.71 -16.75 0.83
CA LEU A 202 -0.18 -17.78 1.34
C LEU A 202 0.82 -18.81 1.96
N ASP A 203 1.69 -19.26 1.09
CA ASP A 203 2.79 -20.21 1.36
C ASP A 203 3.63 -19.73 2.51
N GLU A 204 4.09 -18.50 2.45
CA GLU A 204 4.84 -17.60 3.32
C GLU A 204 4.55 -17.72 4.83
N LYS A 205 3.32 -17.83 5.16
CA LYS A 205 2.43 -17.94 6.23
C LYS A 205 2.33 -19.44 6.60
N GLY A 206 1.25 -20.09 6.31
CA GLY A 206 1.08 -21.49 6.62
C GLY A 206 -0.12 -22.13 5.99
N ILE A 207 -0.80 -21.49 5.11
CA ILE A 207 -2.02 -21.64 4.37
C ILE A 207 -2.33 -22.39 3.12
N ALA A 208 -3.58 -22.54 2.60
CA ALA A 208 -3.45 -23.38 1.34
C ALA A 208 -4.13 -22.97 0.10
N TRP A 209 -4.16 -23.97 -0.84
CA TRP A 209 -4.78 -23.72 -2.13
C TRP A 209 -4.38 -24.66 -3.28
N SER A 210 -5.33 -24.42 -4.20
CA SER A 210 -5.44 -25.13 -5.44
C SER A 210 -5.79 -24.30 -6.65
N LEU A 211 -5.59 -24.80 -7.84
CA LEU A 211 -5.98 -24.22 -9.13
C LEU A 211 -6.96 -24.93 -10.04
N HIS A 212 -7.81 -24.29 -10.88
CA HIS A 212 -8.74 -24.93 -11.79
C HIS A 212 -9.23 -23.86 -12.74
N SER A 213 -9.67 -24.32 -13.84
CA SER A 213 -10.31 -23.39 -14.80
C SER A 213 -11.78 -23.80 -14.83
N SER A 214 -12.37 -24.30 -13.73
CA SER A 214 -13.82 -24.63 -13.84
C SER A 214 -14.50 -23.77 -12.82
N ILE A 215 -15.73 -23.82 -12.59
CA ILE A 215 -16.51 -22.97 -11.65
C ILE A 215 -17.31 -24.09 -10.96
N GLU A 216 -17.02 -25.18 -11.63
CA GLU A 216 -17.51 -26.55 -11.42
C GLU A 216 -17.14 -27.08 -10.11
N GLU A 217 -16.43 -28.22 -10.22
CA GLU A 217 -15.86 -28.83 -8.99
C GLU A 217 -14.59 -27.94 -8.81
N VAL A 218 -14.77 -27.44 -7.69
CA VAL A 218 -14.01 -26.50 -6.91
C VAL A 218 -15.24 -26.03 -6.09
N MET A 219 -16.35 -26.24 -6.82
CA MET A 219 -17.68 -25.79 -6.44
C MET A 219 -18.55 -26.81 -5.86
N THR A 220 -18.44 -27.17 -4.64
CA THR A 220 -19.33 -28.10 -3.95
C THR A 220 -18.70 -28.22 -2.52
N ARG A 221 -17.48 -27.86 -2.61
CA ARG A 221 -16.60 -27.79 -1.46
C ARG A 221 -16.32 -26.29 -1.56
N VAL A 222 -17.34 -25.46 -1.64
CA VAL A 222 -17.18 -23.97 -1.79
C VAL A 222 -18.25 -23.12 -1.15
N GLN A 223 -17.75 -22.01 -0.52
CA GLN A 223 -18.56 -21.12 0.28
C GLN A 223 -18.81 -19.71 -0.01
N LYS A 224 -18.00 -19.02 -0.70
CA LYS A 224 -18.48 -17.56 -0.97
C LYS A 224 -17.85 -17.22 -2.28
N GLU A 225 -18.51 -16.54 -3.22
CA GLU A 225 -17.77 -16.31 -4.44
C GLU A 225 -17.41 -14.95 -4.94
N ARG A 226 -16.18 -14.95 -5.31
CA ARG A 226 -15.80 -13.54 -5.80
C ARG A 226 -15.63 -13.68 -7.24
N LEU A 227 -16.55 -13.24 -8.10
CA LEU A 227 -16.24 -13.44 -9.57
C LEU A 227 -15.59 -12.21 -10.07
N ASP A 228 -14.46 -11.72 -10.23
CA ASP A 228 -14.28 -10.29 -10.68
C ASP A 228 -14.93 -9.97 -12.00
N PRO A 229 -14.32 -9.14 -12.83
CA PRO A 229 -14.82 -8.70 -14.14
C PRO A 229 -14.00 -9.28 -15.21
N SER A 230 -13.80 -8.71 -16.36
CA SER A 230 -12.86 -9.53 -17.39
C SER A 230 -12.71 -8.47 -18.41
N GLU A 231 -11.74 -7.71 -18.91
CA GLU A 231 -12.32 -6.69 -19.97
C GLU A 231 -11.20 -6.12 -20.73
N TYR A 232 -11.48 -5.20 -21.67
CA TYR A 232 -10.47 -4.43 -22.42
C TYR A 232 -9.07 -4.99 -22.27
N ALA A 233 -8.06 -4.12 -22.29
CA ALA A 233 -6.70 -4.69 -22.06
C ALA A 233 -6.40 -5.84 -23.04
N ASX A 234 -6.84 -7.05 -22.59
CA ASX A 234 -6.81 -8.26 -23.47
C ASX A 234 -7.48 -7.93 -24.82
N VAL A 235 -7.15 -8.69 -25.90
CA VAL A 235 -7.73 -8.48 -27.21
C VAL A 235 -9.28 -8.52 -26.95
N LYS A 236 -9.93 -8.36 -28.04
CA LYS A 236 -11.33 -8.27 -28.36
C LYS A 236 -11.52 -9.44 -29.38
N ALA A 237 -10.85 -10.49 -29.03
CA ALA A 237 -10.89 -11.70 -29.88
C ALA A 237 -9.96 -12.43 -28.90
N GLN A 238 -9.88 -11.56 -27.84
CA GLN A 238 -9.12 -12.16 -26.66
C GLN A 238 -10.43 -12.56 -25.87
N PHE A 239 -11.63 -12.08 -26.32
CA PHE A 239 -12.75 -12.64 -25.46
C PHE A 239 -13.42 -13.85 -26.18
N LEU A 240 -12.51 -14.71 -26.38
CA LEU A 240 -12.29 -16.07 -26.78
C LEU A 240 -12.63 -16.74 -25.43
N VAL A 241 -12.52 -18.01 -25.32
CA VAL A 241 -12.87 -18.73 -24.08
C VAL A 241 -13.13 -17.86 -22.86
N ARG A 242 -14.30 -17.19 -22.88
CA ARG A 242 -14.87 -16.43 -21.79
C ARG A 242 -16.01 -17.53 -21.47
N ALA A 243 -15.39 -18.26 -20.55
CA ALA A 243 -15.97 -19.50 -20.04
C ALA A 243 -15.98 -19.59 -18.55
N ASN A 244 -15.32 -18.53 -18.11
CA ASN A 244 -15.23 -18.30 -16.64
C ASN A 244 -16.45 -17.43 -16.35
N SER A 245 -17.56 -17.66 -17.05
CA SER A 245 -18.76 -16.91 -16.74
C SER A 245 -19.63 -17.69 -15.70
N LEU A 246 -20.00 -16.99 -14.67
CA LEU A 246 -20.95 -17.50 -13.70
C LEU A 246 -22.31 -17.14 -14.47
N GLY A 247 -23.19 -18.06 -14.36
CA GLY A 247 -24.52 -18.35 -14.70
C GLY A 247 -25.01 -19.52 -13.79
N GLY A 248 -26.29 -19.70 -13.85
CA GLY A 248 -27.33 -20.47 -13.39
C GLY A 248 -27.26 -21.90 -13.11
N LEU A 249 -26.79 -22.85 -13.99
CA LEU A 249 -26.74 -24.28 -13.62
C LEU A 249 -25.41 -24.62 -12.83
N HIS A 250 -25.75 -24.72 -11.57
CA HIS A 250 -24.78 -25.05 -10.52
C HIS A 250 -25.62 -25.88 -9.61
N ASN A 251 -26.82 -25.49 -9.11
CA ASN A 251 -27.52 -26.69 -8.38
C ASN A 251 -26.37 -27.44 -7.75
N ALA A 252 -25.83 -28.56 -8.05
CA ALA A 252 -24.60 -29.06 -7.28
C ALA A 252 -24.07 -27.86 -6.46
N LYS A 253 -25.08 -27.32 -5.81
CA LYS A 253 -25.05 -26.09 -5.02
C LYS A 253 -24.46 -26.47 -3.66
N MET A 254 -24.95 -25.81 -2.65
CA MET A 254 -24.50 -25.98 -1.29
C MET A 254 -25.36 -25.10 -0.39
N ASN A 255 -25.11 -23.86 -0.18
CA ASN A 255 -25.83 -22.92 0.72
C ASN A 255 -24.83 -21.79 1.15
N ALA A 256 -23.94 -21.52 0.18
CA ALA A 256 -22.89 -20.59 -0.03
C ALA A 256 -23.62 -19.41 -0.66
N LYS A 257 -22.79 -18.63 -1.30
CA LYS A 257 -23.35 -17.41 -1.95
C LYS A 257 -22.22 -16.87 -2.84
N VAL A 258 -22.75 -15.97 -3.67
CA VAL A 258 -21.90 -15.38 -4.72
C VAL A 258 -21.75 -13.91 -4.53
N LEU A 259 -20.64 -13.25 -4.68
CA LEU A 259 -20.36 -11.88 -4.57
C LEU A 259 -19.64 -11.20 -5.73
N HIS A 260 -19.84 -9.93 -5.83
CA HIS A 260 -19.08 -9.20 -6.94
C HIS A 260 -19.21 -7.71 -6.76
N PRO A 261 -18.11 -7.07 -6.41
CA PRO A 261 -18.05 -5.64 -6.05
C PRO A 261 -18.45 -4.95 -7.30
N LEU A 262 -19.51 -5.27 -7.91
CA LEU A 262 -19.88 -4.71 -9.16
C LEU A 262 -19.00 -3.71 -9.83
N PRO A 263 -19.33 -3.41 -11.05
CA PRO A 263 -20.54 -3.90 -11.60
C PRO A 263 -20.63 -4.99 -12.55
N ARG A 264 -21.25 -6.09 -12.27
CA ARG A 264 -21.50 -7.19 -13.23
C ARG A 264 -21.90 -6.68 -14.61
N VAL A 265 -21.78 -7.60 -15.56
CA VAL A 265 -22.07 -7.32 -16.98
C VAL A 265 -22.37 -8.70 -17.63
N ASP A 266 -21.34 -9.48 -17.90
CA ASP A 266 -21.28 -10.82 -18.41
C ASP A 266 -20.95 -11.72 -17.22
N GLU A 267 -19.97 -11.32 -16.45
CA GLU A 267 -19.68 -12.22 -15.38
C GLU A 267 -20.78 -13.16 -15.01
N ILE A 268 -21.95 -12.82 -14.68
CA ILE A 268 -23.07 -13.52 -14.08
C ILE A 268 -24.42 -13.22 -14.63
N ALA A 269 -25.36 -14.10 -14.61
CA ALA A 269 -26.64 -13.97 -15.24
C ALA A 269 -27.89 -13.52 -14.64
N THR A 270 -28.62 -12.60 -15.11
CA THR A 270 -29.95 -12.33 -14.51
C THR A 270 -30.52 -13.58 -13.86
N ASP A 271 -30.62 -14.64 -14.61
CA ASP A 271 -31.18 -15.98 -14.34
C ASP A 271 -30.88 -16.29 -12.87
N VAL A 272 -29.59 -16.23 -12.52
CA VAL A 272 -29.14 -16.36 -11.13
C VAL A 272 -29.87 -15.32 -10.23
N ASP A 273 -29.49 -14.08 -10.55
CA ASP A 273 -30.03 -12.96 -9.78
C ASP A 273 -30.80 -13.81 -8.72
N LYS A 274 -32.06 -13.76 -8.83
CA LYS A 274 -33.09 -14.41 -8.11
C LYS A 274 -32.70 -15.18 -6.86
N THR A 275 -32.46 -16.44 -7.16
CA THR A 275 -32.08 -17.53 -6.30
C THR A 275 -30.91 -17.35 -5.37
N PRO A 276 -30.82 -17.84 -4.20
CA PRO A 276 -29.72 -17.76 -3.28
C PRO A 276 -28.33 -17.59 -3.71
N HIS A 277 -27.32 -18.00 -2.92
CA HIS A 277 -25.96 -17.64 -3.47
C HIS A 277 -26.00 -16.28 -4.11
N ALA A 278 -27.11 -15.51 -4.24
CA ALA A 278 -27.07 -14.19 -4.98
C ALA A 278 -26.68 -13.11 -4.03
N TRP A 279 -26.90 -11.86 -3.95
CA TRP A 279 -26.27 -11.10 -2.81
C TRP A 279 -25.36 -9.98 -3.27
N TYR A 280 -24.74 -10.22 -4.42
CA TYR A 280 -23.80 -9.25 -5.04
C TYR A 280 -24.28 -7.91 -4.47
N PHE A 281 -25.59 -7.83 -4.38
CA PHE A 281 -26.28 -6.62 -3.93
C PHE A 281 -26.07 -6.53 -2.44
N GLN A 282 -26.83 -7.27 -1.65
CA GLN A 282 -26.66 -7.19 -0.19
C GLN A 282 -25.19 -6.86 0.02
N GLN A 283 -24.39 -7.52 -0.77
CA GLN A 283 -22.94 -7.25 -0.61
C GLN A 283 -22.67 -5.78 -0.63
N ALA A 284 -23.37 -5.03 -1.40
CA ALA A 284 -23.34 -3.60 -1.60
C ALA A 284 -24.00 -2.84 -0.48
N GLY A 285 -25.28 -3.18 -0.32
CA GLY A 285 -26.03 -2.51 0.76
C GLY A 285 -25.16 -2.66 1.99
N ASN A 286 -24.27 -3.60 2.07
CA ASN A 286 -23.51 -3.78 3.36
C ASN A 286 -22.32 -2.90 3.42
N GLY A 287 -22.08 -2.17 2.44
CA GLY A 287 -20.96 -1.23 2.50
C GLY A 287 -21.56 -0.05 3.22
N ILE A 288 -22.87 0.17 3.26
CA ILE A 288 -23.24 1.41 3.90
C ILE A 288 -22.96 1.20 5.38
N PHE A 289 -22.91 -0.02 5.78
CA PHE A 289 -22.69 -0.31 7.25
C PHE A 289 -21.20 -0.36 7.50
N ALA A 290 -20.48 -1.19 6.78
CA ALA A 290 -19.06 -1.25 6.84
C ALA A 290 -18.65 0.23 6.90
N ARG A 291 -18.71 1.16 5.99
CA ARG A 291 -18.19 2.53 6.16
C ARG A 291 -18.53 3.14 7.49
N GLN A 292 -19.74 3.62 7.59
CA GLN A 292 -20.24 4.19 8.92
C GLN A 292 -19.37 3.67 10.07
N ALA A 293 -19.44 2.46 10.52
CA ALA A 293 -18.59 1.88 11.55
C ALA A 293 -17.30 2.68 11.64
N LEU A 294 -16.44 2.61 10.69
CA LEU A 294 -15.23 3.45 10.57
C LEU A 294 -15.39 4.91 11.05
N LEU A 295 -15.94 5.70 10.16
CA LEU A 295 -16.23 7.10 10.37
C LEU A 295 -16.66 7.31 11.80
N ALA A 296 -17.47 6.43 12.36
CA ALA A 296 -17.79 6.89 13.78
C ALA A 296 -16.69 6.46 14.65
N LEU A 297 -15.96 5.45 14.36
CA LEU A 297 -14.79 4.99 15.06
C LEU A 297 -13.85 6.14 14.74
N VAL A 298 -13.42 6.07 13.52
CA VAL A 298 -12.58 7.22 13.08
C VAL A 298 -12.82 8.45 13.92
N LEU A 299 -13.82 9.23 13.97
CA LEU A 299 -14.18 10.42 14.67
C LEU A 299 -14.76 10.55 16.08
N ASN A 300 -15.27 9.54 16.73
CA ASN A 300 -15.82 9.57 18.11
C ASN A 300 -14.63 9.21 18.99
N ARG A 301 -14.74 9.13 20.28
CA ARG A 301 -13.54 8.71 21.11
C ARG A 301 -13.75 7.36 21.79
N ASP A 302 -15.05 7.04 21.96
CA ASP A 302 -15.59 5.89 22.69
C ASP A 302 -16.88 5.33 22.08
N LEU A 303 -17.45 4.28 22.74
CA LEU A 303 -18.64 3.60 22.31
C LEU A 303 -19.61 2.91 23.32
N VAL A 304 -20.80 2.77 22.75
CA VAL A 304 -22.08 2.19 23.13
C VAL A 304 -22.17 0.85 22.34
N LEU A 305 -21.12 0.12 22.68
CA LEU A 305 -20.59 -1.17 22.31
C LEU A 305 -21.64 -2.21 21.88
N MET B 1 51.10 21.22 2.11
CA MET B 1 50.22 20.10 1.70
C MET B 1 49.60 20.24 0.28
N THR B 2 50.37 19.57 -0.58
CA THR B 2 49.98 19.40 -2.03
C THR B 2 49.15 18.14 -1.94
N HIS B 3 47.88 18.11 -2.12
CA HIS B 3 46.97 16.94 -1.91
C HIS B 3 47.38 15.77 -1.03
N ASN B 4 46.40 15.18 -0.26
CA ASN B 4 46.72 13.95 0.55
C ASN B 4 45.58 13.64 1.56
N ASP B 5 46.09 13.52 2.80
CA ASP B 5 45.66 13.39 4.13
C ASP B 5 46.42 14.25 5.21
N LYS B 6 45.58 14.34 6.28
CA LYS B 6 45.97 14.99 7.53
C LYS B 6 44.55 15.21 8.10
N LEU B 7 44.41 13.92 8.58
CA LEU B 7 43.07 13.68 9.18
C LEU B 7 43.11 14.18 10.62
N GLN B 8 43.41 15.49 10.65
CA GLN B 8 43.34 16.15 11.97
C GLN B 8 41.84 16.62 11.94
N VAL B 9 41.01 16.23 12.85
CA VAL B 9 39.56 16.65 12.97
C VAL B 9 39.22 16.22 14.41
N ALA B 10 38.11 15.45 14.56
CA ALA B 10 37.56 14.79 15.72
C ALA B 10 36.90 15.75 16.69
N GLU B 11 35.79 16.33 16.29
CA GLU B 11 35.08 17.31 17.20
C GLU B 11 35.36 18.74 16.84
N ILE B 12 34.46 19.74 16.82
CA ILE B 12 34.93 21.11 16.50
C ILE B 12 36.20 21.00 15.61
N LYS B 13 35.94 20.74 14.35
CA LYS B 13 36.96 20.53 13.32
C LYS B 13 36.69 19.07 12.80
N ARG B 14 36.50 18.89 11.48
CA ARG B 14 36.22 17.53 10.95
C ARG B 14 36.78 17.29 9.59
N GLY B 15 36.52 16.13 9.04
CA GLY B 15 37.22 16.23 7.55
C GLY B 15 36.17 15.33 6.90
N THR B 16 36.37 14.73 5.81
CA THR B 16 35.62 13.68 5.17
C THR B 16 36.73 13.40 4.08
N VAL B 17 36.87 12.15 3.75
CA VAL B 17 37.97 11.99 2.73
C VAL B 17 37.75 10.66 2.05
N ILE B 18 36.57 10.62 1.53
CA ILE B 18 36.11 9.71 0.53
C ILE B 18 37.34 9.79 -0.48
N ASN B 19 37.73 8.66 -0.87
CA ASN B 19 38.72 8.09 -1.70
C ASN B 19 38.16 6.87 -2.50
N HIS B 20 37.71 7.08 -3.74
CA HIS B 20 37.11 6.03 -4.58
C HIS B 20 36.71 4.79 -3.79
N ILE B 21 35.44 4.76 -3.41
CA ILE B 21 34.82 3.65 -2.58
C ILE B 21 34.92 2.35 -3.34
N PRO B 22 34.11 2.14 -4.31
CA PRO B 22 34.20 0.98 -5.27
C PRO B 22 34.71 1.93 -6.41
N ALA B 23 34.32 1.88 -7.65
CA ALA B 23 34.93 2.98 -8.44
C ALA B 23 34.07 3.76 -9.40
N GLU B 24 34.17 5.12 -9.09
CA GLU B 24 33.37 5.95 -10.08
C GLU B 24 31.90 5.88 -9.70
N ILE B 25 31.71 5.52 -8.42
CA ILE B 25 30.37 5.39 -7.81
C ILE B 25 30.74 5.64 -6.35
N GLY B 26 31.04 6.83 -6.08
CA GLY B 26 31.49 7.41 -4.83
C GLY B 26 31.40 8.92 -5.19
N PHE B 27 31.27 9.07 -6.51
CA PHE B 27 31.10 10.49 -6.98
C PHE B 27 29.62 10.58 -6.49
N LYS B 28 28.94 9.63 -7.19
CA LYS B 28 27.50 9.46 -6.87
C LYS B 28 27.06 10.00 -5.48
N LEU B 29 27.54 9.24 -4.49
CA LEU B 29 27.37 9.34 -3.06
C LEU B 29 27.32 10.81 -2.61
N LEU B 30 28.36 11.36 -3.25
CA LEU B 30 28.65 12.76 -3.05
C LEU B 30 27.36 13.53 -3.22
N SER B 31 26.61 13.18 -4.22
CA SER B 31 25.35 13.99 -4.47
C SER B 31 24.31 13.05 -3.94
N LEU B 32 24.85 11.85 -4.22
CA LEU B 32 23.90 10.74 -3.79
C LEU B 32 23.42 11.19 -2.44
N PHE B 33 24.41 11.84 -1.82
CA PHE B 33 24.07 12.50 -0.56
C PHE B 33 24.62 13.91 -0.42
N LYS B 34 24.04 14.72 0.40
CA LYS B 34 24.77 15.96 0.73
C LYS B 34 26.29 15.67 0.70
N LEU B 35 26.94 16.16 1.76
CA LEU B 35 28.40 16.08 1.95
C LEU B 35 29.03 16.81 0.75
N THR B 36 28.88 18.12 0.71
CA THR B 36 29.50 19.08 -0.14
C THR B 36 28.74 20.42 0.04
N GLU B 37 27.64 20.15 0.66
CA GLU B 37 26.77 21.29 1.13
C GLU B 37 27.35 21.21 2.57
N THR B 38 28.45 21.83 3.00
CA THR B 38 29.04 21.63 4.34
C THR B 38 30.41 22.22 4.58
N GLN B 39 30.74 22.85 5.66
CA GLN B 39 32.04 23.47 5.97
C GLN B 39 33.33 22.74 5.84
N ASP B 40 33.31 21.69 6.64
CA ASP B 40 34.56 20.87 6.71
C ASP B 40 34.96 20.60 5.21
N ARG B 41 36.27 20.52 5.10
CA ARG B 41 36.98 20.25 3.87
C ARG B 41 36.92 18.72 3.56
N ILE B 42 37.19 18.49 2.28
CA ILE B 42 37.02 17.13 1.79
C ILE B 42 38.17 16.62 0.99
N THR B 43 38.29 15.28 0.86
CA THR B 43 39.36 14.71 0.07
C THR B 43 39.06 13.40 -0.67
N ILE B 44 39.35 13.49 -1.99
CA ILE B 44 39.18 12.29 -2.78
C ILE B 44 40.16 12.34 -3.97
N GLY B 45 40.08 11.14 -4.60
CA GLY B 45 40.78 10.65 -5.77
C GLY B 45 40.30 9.28 -6.29
N LEU B 46 41.09 8.59 -7.14
CA LEU B 46 40.71 7.20 -7.55
C LEU B 46 41.89 6.23 -7.33
N ASN B 47 41.87 5.37 -6.26
CA ASN B 47 42.87 4.47 -5.78
C ASN B 47 43.25 3.52 -6.95
N LEU B 48 42.31 3.55 -7.92
CA LEU B 48 42.46 2.62 -9.10
C LEU B 48 43.02 1.46 -8.25
N PRO B 49 42.41 1.37 -7.04
CA PRO B 49 43.12 0.44 -6.15
C PRO B 49 42.81 -1.03 -6.48
N SER B 50 43.70 -1.76 -5.81
CA SER B 50 43.68 -3.23 -5.63
C SER B 50 43.47 -3.23 -4.02
N GLY B 51 43.42 -1.99 -3.45
CA GLY B 51 43.24 -1.90 -2.01
C GLY B 51 44.43 -1.15 -1.41
N GLU B 52 45.46 -1.90 -1.12
CA GLU B 52 46.79 -1.55 -0.58
C GLU B 52 47.96 -2.38 -1.18
N MET B 53 49.24 -1.91 -1.30
CA MET B 53 50.37 -2.66 -1.85
C MET B 53 51.22 -3.64 -1.06
N GLY B 54 52.14 -2.98 -0.28
CA GLY B 54 53.13 -3.80 0.56
C GLY B 54 52.27 -4.45 1.71
N ARG B 55 51.94 -3.59 2.66
CA ARG B 55 51.05 -4.11 3.77
C ARG B 55 49.89 -3.12 3.53
N LYS B 56 48.70 -3.66 3.49
CA LYS B 56 47.52 -2.68 3.23
C LYS B 56 46.70 -2.82 4.51
N ASP B 57 46.43 -1.71 5.19
CA ASP B 57 45.67 -1.78 6.48
C ASP B 57 44.54 -2.84 6.55
N LEU B 58 43.60 -2.66 5.54
CA LEU B 58 42.41 -3.50 5.25
C LEU B 58 41.11 -2.75 5.42
N ILE B 59 41.17 -1.49 4.91
CA ILE B 59 39.95 -0.63 4.98
C ILE B 59 40.03 0.70 4.25
N LYS B 60 38.82 1.20 4.03
CA LYS B 60 38.68 2.51 3.35
C LYS B 60 37.33 3.23 3.56
N ILE B 61 37.21 4.35 2.82
CA ILE B 61 36.14 5.31 2.94
C ILE B 61 36.62 6.73 3.32
N GLU B 62 35.89 7.31 4.25
CA GLU B 62 35.63 8.46 4.94
C GLU B 62 35.68 8.25 6.47
N ASN B 63 36.05 9.44 6.94
CA ASN B 63 36.16 9.55 8.43
C ASN B 63 35.75 10.96 8.83
N THR B 64 34.71 11.13 9.66
CA THR B 64 34.37 12.50 10.00
C THR B 64 33.14 12.77 10.85
N PHE B 65 32.80 11.66 11.62
CA PHE B 65 31.58 11.97 12.48
C PHE B 65 30.41 12.09 11.44
N LEU B 66 30.13 10.92 10.80
CA LEU B 66 28.94 10.94 9.87
C LEU B 66 27.76 10.96 10.87
N SER B 67 27.44 9.89 11.50
CA SER B 67 26.39 9.62 12.52
C SER B 67 26.81 8.18 12.93
N GLU B 68 25.73 7.43 12.85
CA GLU B 68 25.75 5.96 12.97
C GLU B 68 25.41 5.84 11.43
N ASP B 69 24.59 4.87 11.14
CA ASP B 69 24.18 4.71 9.74
C ASP B 69 24.02 5.99 8.95
N GLU B 70 24.97 6.84 8.74
CA GLU B 70 24.82 8.05 7.87
C GLU B 70 25.23 7.40 6.49
N VAL B 71 25.30 6.13 6.74
CA VAL B 71 25.67 4.92 6.14
C VAL B 71 24.59 3.87 6.15
N ASP B 72 25.03 2.61 6.39
CA ASP B 72 24.04 1.52 6.44
C ASP B 72 23.11 1.61 5.21
N GLU B 73 22.97 2.89 4.88
CA GLU B 73 22.40 3.73 3.93
C GLU B 73 23.21 3.50 2.63
N LEU B 74 24.51 3.37 2.76
CA LEU B 74 25.20 3.08 1.47
C LEU B 74 25.05 1.58 1.22
N ALA B 75 24.68 0.90 2.31
CA ALA B 75 24.56 -0.56 2.30
C ALA B 75 24.38 -1.04 0.88
N LEU B 76 23.59 -0.41 0.09
CA LEU B 76 23.19 -0.51 -1.30
C LEU B 76 24.21 -0.14 -2.38
N TYR B 77 24.87 0.98 -2.42
CA TYR B 77 25.85 1.40 -3.44
C TYR B 77 27.31 1.15 -3.05
N ALA B 78 27.71 1.02 -1.80
CA ALA B 78 29.17 0.69 -1.49
C ALA B 78 29.15 -0.03 -0.16
N PRO B 79 28.73 -1.27 -0.13
CA PRO B 79 28.53 -2.04 1.10
C PRO B 79 29.89 -2.41 1.66
N GLN B 80 30.76 -2.36 0.62
CA GLN B 80 32.18 -2.80 0.84
C GLN B 80 33.05 -1.64 1.21
N ALA B 81 32.52 -0.86 2.14
CA ALA B 81 33.48 0.35 2.39
C ALA B 81 33.82 0.35 3.84
N THR B 82 34.21 1.41 4.54
CA THR B 82 34.49 1.54 5.95
C THR B 82 34.92 2.87 6.53
N VAL B 83 34.34 3.24 7.72
CA VAL B 83 34.73 4.55 8.23
C VAL B 83 36.03 4.67 9.01
N ASN B 84 35.99 5.81 9.68
CA ASN B 84 36.89 6.58 10.48
C ASN B 84 37.73 5.82 11.49
N ARG B 85 38.59 6.49 12.20
CA ARG B 85 39.48 6.12 13.26
C ARG B 85 40.59 7.24 13.31
N ILE B 86 41.69 6.73 13.94
CA ILE B 86 43.00 7.42 14.09
C ILE B 86 44.22 6.51 14.04
N ASN B 87 45.36 6.80 13.33
CA ASN B 87 46.59 5.89 13.27
C ASN B 87 47.28 5.80 14.64
N ASP B 88 47.54 6.87 15.41
CA ASP B 88 48.06 6.50 16.77
C ASP B 88 47.01 6.84 17.85
N TYR B 89 46.39 5.78 18.36
CA TYR B 89 45.36 5.75 19.46
C TYR B 89 44.06 6.16 18.84
N GLU B 90 43.09 5.19 18.74
CA GLU B 90 41.88 5.62 17.96
C GLU B 90 40.69 4.70 17.95
N VAL B 91 39.54 5.30 17.56
CA VAL B 91 38.22 4.80 17.62
C VAL B 91 37.24 4.84 16.50
N VAL B 92 36.86 3.71 16.00
CA VAL B 92 35.80 3.56 14.95
C VAL B 92 35.68 2.03 14.82
N GLY B 93 35.26 1.33 15.91
CA GLY B 93 35.22 -0.15 15.98
C GLY B 93 34.39 -1.00 15.01
N LYS B 94 34.97 -2.02 14.29
CA LYS B 94 34.34 -2.85 13.26
C LYS B 94 33.08 -2.19 12.61
N SER B 95 33.31 -1.02 11.87
CA SER B 95 32.04 -0.45 11.31
C SER B 95 31.95 -0.29 9.80
N ARG B 96 31.00 -1.20 9.38
CA ARG B 96 30.55 -1.53 8.02
C ARG B 96 29.09 -1.17 7.73
N PRO B 97 29.04 -0.66 6.48
CA PRO B 97 27.75 -0.07 5.99
C PRO B 97 26.92 -1.29 6.11
N SER B 98 25.90 -1.40 6.89
CA SER B 98 25.17 -2.72 6.95
C SER B 98 23.69 -2.49 6.75
N LEU B 99 23.05 -2.63 5.59
CA LEU B 99 21.60 -2.40 5.33
C LEU B 99 20.87 -1.64 6.46
N PRO B 100 20.10 -0.65 6.05
CA PRO B 100 19.31 0.25 6.90
C PRO B 100 17.89 -0.27 7.07
N GLU B 101 17.19 -0.35 5.97
CA GLU B 101 15.83 -0.82 5.88
C GLU B 101 15.00 0.43 5.70
N ARG B 102 15.23 1.11 4.57
CA ARG B 102 14.35 2.31 4.36
C ARG B 102 14.96 3.47 3.71
N ASN B 103 15.98 3.35 2.81
CA ASN B 103 16.54 4.42 2.10
C ASN B 103 15.56 5.58 2.06
N ILE B 104 16.48 6.57 2.31
CA ILE B 104 15.68 7.71 2.31
C ILE B 104 15.58 8.52 1.16
N ASP B 105 16.34 9.50 0.91
CA ASP B 105 15.74 10.36 -0.20
C ASP B 105 16.36 9.97 -1.46
N VAL B 106 17.20 8.96 -1.43
CA VAL B 106 17.82 8.68 -2.73
C VAL B 106 17.18 7.51 -3.45
N LEU B 107 16.54 7.85 -4.55
CA LEU B 107 15.89 6.83 -5.36
C LEU B 107 14.65 7.22 -6.04
N VAL B 108 13.91 6.22 -6.52
CA VAL B 108 12.71 6.72 -7.22
C VAL B 108 11.75 5.68 -7.66
N CYS B 109 10.66 5.62 -6.95
CA CYS B 109 9.63 4.66 -7.44
C CYS B 109 9.63 4.72 -8.94
N PRO B 110 9.98 3.65 -9.59
CA PRO B 110 10.02 3.53 -11.07
C PRO B 110 8.58 3.49 -11.58
N ASP B 111 7.69 3.18 -10.65
CA ASP B 111 6.22 3.19 -10.85
C ASP B 111 5.98 4.61 -11.36
N SER B 112 5.08 4.76 -12.30
CA SER B 112 4.91 5.99 -13.09
C SER B 112 3.92 6.97 -12.62
N ASN B 113 3.16 6.38 -11.71
CA ASN B 113 2.00 6.89 -11.01
C ASN B 113 2.27 7.22 -9.54
N CYS B 114 3.11 6.63 -8.83
CA CYS B 114 3.30 7.00 -7.38
C CYS B 114 3.07 8.48 -7.24
N ILE B 115 2.55 9.06 -6.20
CA ILE B 115 2.36 10.55 -6.24
C ILE B 115 3.81 11.08 -6.20
N SER B 116 4.59 10.16 -5.60
CA SER B 116 6.05 10.45 -5.56
C SER B 116 6.34 11.08 -6.91
N HIS B 117 6.92 12.21 -7.18
CA HIS B 117 7.17 12.39 -8.65
C HIS B 117 6.03 13.32 -9.06
N ALA B 118 5.48 13.89 -8.05
CA ALA B 118 4.36 14.76 -8.65
C ALA B 118 4.40 15.88 -7.66
N GLU B 119 4.97 15.54 -6.49
CA GLU B 119 5.06 16.62 -5.49
C GLU B 119 6.15 16.51 -4.45
N PRO B 120 6.02 17.39 -3.47
CA PRO B 120 6.87 17.51 -2.30
C PRO B 120 6.92 16.38 -1.29
N VAL B 121 7.69 15.36 -1.73
CA VAL B 121 7.90 14.10 -1.08
C VAL B 121 8.96 13.83 -0.06
N SER B 122 9.63 12.79 -0.48
CA SER B 122 10.72 12.12 0.22
C SER B 122 11.03 10.82 -0.49
N SER B 123 12.14 10.37 -1.02
CA SER B 123 12.01 8.93 -1.51
C SER B 123 11.95 8.07 -0.24
N SER B 124 10.90 7.36 0.13
CA SER B 124 11.07 6.44 1.33
C SER B 124 10.54 5.09 0.81
N PHE B 125 11.38 4.13 0.77
CA PHE B 125 11.20 2.81 0.19
C PHE B 125 11.49 1.77 1.22
N ALA B 126 10.81 0.75 1.58
CA ALA B 126 11.48 -0.14 2.62
C ALA B 126 12.07 -1.43 2.14
N VAL B 127 13.27 -1.84 2.64
CA VAL B 127 14.09 -2.96 2.39
C VAL B 127 14.13 -4.27 3.20
N ARG B 128 13.84 -5.31 2.49
CA ARG B 128 13.73 -6.70 2.80
C ARG B 128 14.39 -7.41 1.58
N ARG B 129 15.04 -8.56 1.86
CA ARG B 129 15.75 -9.30 0.89
C ARG B 129 15.57 -10.72 0.45
N ALA B 130 16.14 -11.57 1.29
CA ALA B 130 16.12 -13.03 1.03
C ALA B 130 15.48 -13.10 -0.34
N ASP B 131 16.10 -13.25 -1.43
CA ASP B 131 15.49 -13.23 -2.81
C ASP B 131 16.77 -12.76 -3.63
N ASP B 132 16.94 -11.44 -3.39
CA ASP B 132 18.01 -10.65 -3.97
C ASP B 132 17.78 -9.17 -3.68
N ILE B 133 17.22 -8.75 -2.59
CA ILE B 133 16.95 -7.36 -2.16
C ILE B 133 15.65 -6.83 -2.80
N ALA B 134 14.75 -6.48 -1.92
CA ALA B 134 13.41 -5.96 -2.01
C ALA B 134 13.30 -4.55 -1.43
N LEU B 135 12.60 -3.61 -1.98
CA LEU B 135 12.37 -2.24 -1.66
C LEU B 135 10.91 -1.91 -1.93
N LYS B 136 10.17 -1.59 -0.90
CA LYS B 136 8.70 -1.23 -1.07
C LYS B 136 8.50 0.24 -1.30
N CYS B 137 7.44 0.94 -1.21
CA CYS B 137 7.49 2.38 -1.59
C CYS B 137 6.35 2.96 -0.79
N LYS B 138 6.49 3.06 0.53
CA LYS B 138 5.30 3.71 1.22
C LYS B 138 5.01 4.82 0.19
N TYR B 139 3.85 4.89 -0.38
CA TYR B 139 3.35 5.75 -1.39
C TYR B 139 2.35 5.06 -2.31
N CYS B 140 2.91 3.99 -2.87
CA CYS B 140 2.24 3.15 -3.89
C CYS B 140 2.57 1.71 -3.58
N GLU B 141 2.37 1.32 -2.39
CA GLU B 141 2.63 -0.06 -1.94
C GLU B 141 3.02 -1.03 -3.01
N LYS B 142 4.17 -0.98 -3.61
CA LYS B 142 4.71 -1.76 -4.69
C LYS B 142 6.18 -1.93 -4.32
N GLU B 143 6.67 -3.04 -4.75
CA GLU B 143 7.91 -3.73 -4.55
C GLU B 143 8.78 -3.97 -5.72
N PHE B 144 9.93 -3.31 -5.79
CA PHE B 144 10.82 -3.43 -7.02
C PHE B 144 12.14 -4.03 -6.63
N SER B 145 13.30 -3.93 -7.28
CA SER B 145 14.43 -4.68 -6.59
C SER B 145 15.68 -3.83 -6.58
N HIS B 146 16.40 -3.60 -5.51
CA HIS B 146 17.63 -2.84 -5.58
C HIS B 146 17.84 -2.47 -7.05
N ASN B 147 17.71 -3.45 -7.88
CA ASN B 147 17.83 -3.18 -9.32
C ASN B 147 16.76 -2.08 -9.65
N VAL B 148 16.75 -2.13 -11.02
CA VAL B 148 15.74 -1.25 -11.74
C VAL B 148 15.38 -0.27 -10.66
N VAL B 149 16.09 0.75 -10.29
CA VAL B 149 15.49 1.56 -9.16
C VAL B 149 16.76 2.46 -9.03
N LEU B 150 17.64 1.47 -9.01
CA LEU B 150 19.05 1.91 -8.76
C LEU B 150 19.39 2.25 -10.15
N ALA B 151 19.31 3.50 -10.38
CA ALA B 151 19.41 3.85 -11.84
C ALA B 151 18.41 5.01 -11.71
N ASN B 152 17.34 4.93 -12.44
CA ASN B 152 16.22 5.91 -12.48
C ASN B 152 16.52 7.43 -12.48
ZN ZN C . 5.71 4.32 -5.38
#